data_7T1Y
#
_entry.id   7T1Y
#
_cell.length_a   232.538
_cell.length_b   232.538
_cell.length_c   107.836
_cell.angle_alpha   90.000
_cell.angle_beta   90.000
_cell.angle_gamma   90.000
#
_symmetry.space_group_name_H-M   'I 41 2 2'
#
loop_
_entity.id
_entity.type
_entity.pdbx_description
1 polymer 'S-phase kinase-associated protein 1'
2 polymer 'F-box/WD repeat-containing protein 7'
3 polymer 'Myc proto-oncogene protein C terminal degron'
4 non-polymer 'SULFATE ION'
5 water water
#
loop_
_entity_poly.entity_id
_entity_poly.type
_entity_poly.pdbx_seq_one_letter_code
_entity_poly.pdbx_strand_id
1 'polypeptide(L)'
;MPSIKLQSSDGEIFEVDVEIAKQSVTIKTMLEDLGMDVPLPNVNAAILKKVIQWCTHHKDDPPPPEDDENKEKRTDDIPV
WDQEFLKVDQGTLFELILAANYLDIKGLLDVTCKTVANMIKGKTPEEIRKTFNIKNDFTEEEEAQVRKENQWCEEK
;
A
2 'polypeptide(L)'
;SHHHHHHGGSGMTQVKHMMQVIEPQFQRDFISLLPKELALYVLSFLEPKDLLQAAQTCRYWRILAEDNLLWREKCKEEGI
DEPLHIKRRKVIKPGFIHSPWKSAYIRQHRIDTNWRRGELKSPKVLKGHDDHVITCLQFCGNRIVSGSDDNTLKVWSAVT
GKCLRTLVGHTGGVWSSQMRDNIIISGSTDRTLKVWNAETGECIHTLYGHTSTVRCMHLHEKRVVSGSRDATLRVWDIET
GQCLHVLMGHVAAVRCVQYDGRRVVSGAYDFMVKVWDPETETCLHTLQGHTNRVYSLQFDGIHVVSGSLDTSIRVWDVET
GNCIHTLTGHQSLTSGMELKDNILVSGNADSTVKIWDIKTGQCLQTLQGPNKHQSAVTCLQFNKNFVITSSDDGTVKLWD
LKTGEFIRNLVTLESGGSGGVVWRIRASNTKLVCAVGSRNGTEETKLLVLDFDVDMK
;
B
3 'polypeptide(L)' PEPLVLHEE(TPO)PPT(TPO)SSDSEEEQEDEEIDVV C
#
loop_
_chem_comp.id
_chem_comp.type
_chem_comp.name
_chem_comp.formula
SO4 non-polymer 'SULFATE ION' 'O4 S -2'
#
# COMPACT_ATOMS: atom_id res chain seq x y z
N PRO A 2 28.88 45.98 9.22
CA PRO A 2 27.87 46.29 8.20
C PRO A 2 26.47 46.28 8.80
N SER A 3 25.71 47.36 8.64
CA SER A 3 24.43 47.50 9.34
C SER A 3 23.49 48.42 8.58
N ILE A 4 22.20 48.05 8.57
CA ILE A 4 21.17 48.75 7.82
C ILE A 4 20.05 49.21 8.76
N LYS A 5 19.22 50.12 8.25
CA LYS A 5 18.22 50.84 9.04
C LYS A 5 16.82 50.54 8.52
N LEU A 6 15.94 50.12 9.41
CA LEU A 6 14.54 49.95 9.03
C LEU A 6 13.64 50.59 10.09
N GLN A 7 12.51 51.11 9.63
CA GLN A 7 11.60 51.89 10.46
C GLN A 7 10.26 51.20 10.53
N SER A 8 9.80 50.90 11.74
CA SER A 8 8.52 50.23 11.92
C SER A 8 7.38 51.17 11.57
N SER A 9 6.18 50.60 11.42
CA SER A 9 4.99 51.41 11.28
C SER A 9 4.82 52.34 12.48
N ASP A 10 5.29 51.88 13.65
CA ASP A 10 5.28 52.70 14.87
C ASP A 10 6.03 54.01 14.71
N GLY A 11 7.06 54.04 13.85
CA GLY A 11 7.93 55.18 13.69
C GLY A 11 9.32 54.99 14.26
N GLU A 12 9.53 53.93 15.03
CA GLU A 12 10.82 53.63 15.62
C GLU A 12 11.73 52.97 14.59
N ILE A 13 12.91 53.56 14.35
CA ILE A 13 13.89 53.00 13.41
C ILE A 13 14.84 52.09 14.17
N PHE A 14 15.11 50.92 13.59
CA PHE A 14 15.97 49.91 14.18
C PHE A 14 17.29 49.80 13.43
N GLU A 15 18.36 49.56 14.19
CA GLU A 15 19.68 49.25 13.68
C GLU A 15 19.84 47.74 13.62
N VAL A 16 20.07 47.21 12.42
CA VAL A 16 20.23 45.76 12.26
C VAL A 16 21.31 45.47 11.23
N ASP A 17 22.10 44.44 11.50
CA ASP A 17 23.16 44.03 10.59
C ASP A 17 22.58 43.51 9.29
N VAL A 18 23.17 43.95 8.18
CA VAL A 18 22.75 43.59 6.83
C VAL A 18 22.43 42.10 6.75
N GLU A 19 23.14 41.30 7.54
CA GLU A 19 23.04 39.84 7.39
C GLU A 19 21.88 39.28 8.19
N ILE A 20 21.59 39.84 9.37
CA ILE A 20 20.43 39.38 10.17
C ILE A 20 19.14 39.84 9.48
N ALA A 21 19.19 41.00 8.82
CA ALA A 21 17.95 41.57 8.22
C ALA A 21 17.59 40.88 6.92
N LYS A 22 18.56 40.29 6.24
CA LYS A 22 18.26 39.71 4.91
C LYS A 22 17.70 38.30 5.10
N GLN A 23 17.34 37.95 6.33
CA GLN A 23 16.66 36.66 6.57
C GLN A 23 15.21 36.87 6.17
N SER A 24 14.83 38.12 5.91
CA SER A 24 13.47 38.44 5.42
C SER A 24 13.63 38.86 3.95
N VAL A 25 12.88 38.26 3.06
CA VAL A 25 13.03 38.56 1.61
C VAL A 25 12.46 39.95 1.33
N THR A 26 11.45 40.35 2.08
CA THR A 26 10.85 41.70 1.91
C THR A 26 11.93 42.75 2.14
N ILE A 27 12.61 42.69 3.28
CA ILE A 27 13.64 43.71 3.62
C ILE A 27 14.77 43.60 2.61
N LYS A 28 15.11 42.38 2.20
CA LYS A 28 16.19 42.16 1.21
C LYS A 28 15.84 42.83 -0.11
N THR A 29 14.62 42.62 -0.58
CA THR A 29 14.16 43.22 -1.86
C THR A 29 14.17 44.75 -1.74
N MET A 30 13.75 45.27 -0.60
CA MET A 30 13.71 46.74 -0.38
C MET A 30 15.14 47.28 -0.38
N LEU A 31 16.04 46.57 0.29
CA LEU A 31 17.45 47.05 0.43
C LEU A 31 18.18 47.00 -0.90
N GLU A 32 18.21 45.83 -1.55
CA GLU A 32 19.05 45.71 -2.76
C GLU A 32 18.36 46.24 -4.00
N ASP A 33 17.17 45.73 -4.33
CA ASP A 33 16.56 46.10 -5.62
C ASP A 33 15.94 47.50 -5.60
N LEU A 34 15.45 47.98 -4.45
CA LEU A 34 14.73 49.27 -4.45
C LEU A 34 15.53 50.39 -3.79
N GLY A 35 16.45 50.08 -2.89
CA GLY A 35 17.31 51.11 -2.26
C GLY A 35 16.55 51.99 -1.30
N MET A 36 16.21 51.49 -0.11
CA MET A 36 15.32 52.26 0.79
C MET A 36 15.85 52.34 2.24
N ASP A 37 15.21 53.16 3.09
CA ASP A 37 15.51 53.19 4.55
C ASP A 37 14.51 52.23 5.19
N VAL A 38 14.07 51.22 4.44
CA VAL A 38 13.11 50.16 4.86
C VAL A 38 11.89 50.63 5.66
N PRO A 39 10.87 51.18 4.99
CA PRO A 39 9.63 51.50 5.67
C PRO A 39 8.88 50.17 5.82
N LEU A 40 8.47 49.82 7.05
CA LEU A 40 7.72 48.56 7.30
C LEU A 40 6.33 48.88 7.85
N PRO A 41 5.35 49.27 7.01
CA PRO A 41 4.04 49.70 7.51
C PRO A 41 3.13 48.66 8.17
N ASN A 42 3.51 47.39 8.19
CA ASN A 42 2.58 46.36 8.72
C ASN A 42 3.17 45.73 9.98
N VAL A 43 4.29 46.26 10.48
CA VAL A 43 4.94 45.71 11.70
C VAL A 43 5.16 46.84 12.70
N ASN A 44 4.74 46.65 13.95
CA ASN A 44 4.98 47.66 15.01
C ASN A 44 6.35 47.39 15.62
N ALA A 45 6.86 48.30 16.44
CA ALA A 45 8.20 48.16 17.03
C ALA A 45 8.29 46.94 17.95
N ALA A 46 7.22 46.66 18.69
CA ALA A 46 7.24 45.53 19.64
C ALA A 46 7.47 44.22 18.88
N ILE A 47 6.67 43.98 17.86
CA ILE A 47 6.80 42.71 17.09
C ILE A 47 8.11 42.75 16.30
N LEU A 48 8.48 43.90 15.73
CA LEU A 48 9.79 44.00 15.02
C LEU A 48 10.93 43.56 15.94
N LYS A 49 10.91 43.99 17.20
CA LYS A 49 11.98 43.63 18.16
C LYS A 49 12.03 42.11 18.30
N LYS A 50 10.86 41.47 18.46
CA LYS A 50 10.81 40.00 18.60
C LYS A 50 11.31 39.35 17.30
N VAL A 51 10.93 39.86 16.14
CA VAL A 51 11.36 39.17 14.89
C VAL A 51 12.88 39.24 14.78
N ILE A 52 13.48 40.34 15.23
CA ILE A 52 14.96 40.51 15.13
C ILE A 52 15.60 39.57 16.15
N GLN A 53 15.02 39.43 17.33
CA GLN A 53 15.54 38.48 18.35
C GLN A 53 15.62 37.08 17.75
N TRP A 54 14.53 36.62 17.13
CA TRP A 54 14.54 35.29 16.46
C TRP A 54 15.61 35.28 15.38
N CYS A 55 15.59 36.27 14.50
CA CYS A 55 16.53 36.29 13.35
C CYS A 55 17.98 36.24 13.85
N THR A 56 18.32 36.96 14.91
CA THR A 56 19.72 37.01 15.38
C THR A 56 20.13 35.61 15.85
N HIS A 57 19.19 34.86 16.44
CA HIS A 57 19.47 33.49 16.93
C HIS A 57 19.53 32.50 15.76
N HIS A 58 19.31 32.96 14.53
CA HIS A 58 19.29 32.04 13.37
C HIS A 58 20.20 32.57 12.26
N ASP A 77 11.56 18.80 15.34
CA ASP A 77 11.58 19.86 14.31
C ASP A 77 11.30 21.21 14.96
N ILE A 78 10.97 21.21 16.26
CA ILE A 78 10.71 22.48 16.99
C ILE A 78 11.87 22.71 17.96
N PRO A 79 12.82 23.60 17.64
CA PRO A 79 13.98 23.80 18.50
C PRO A 79 13.60 24.28 19.91
N VAL A 80 14.47 24.03 20.89
CA VAL A 80 14.16 24.38 22.30
C VAL A 80 14.05 25.90 22.44
N TRP A 81 15.01 26.63 21.86
CA TRP A 81 14.99 28.11 22.01
C TRP A 81 13.71 28.65 21.39
N ASP A 82 13.31 28.09 20.25
CA ASP A 82 12.11 28.59 19.54
C ASP A 82 10.86 28.31 20.39
N GLN A 83 10.84 27.22 21.15
CA GLN A 83 9.63 26.86 21.94
C GLN A 83 9.52 27.75 23.16
N GLU A 84 10.65 28.27 23.64
CA GLU A 84 10.60 29.23 24.78
C GLU A 84 10.28 30.62 24.22
N PHE A 85 10.87 30.96 23.08
CA PHE A 85 10.60 32.28 22.44
C PHE A 85 9.11 32.39 22.12
N LEU A 86 8.52 31.30 21.65
CA LEU A 86 7.10 31.36 21.22
C LEU A 86 6.18 30.96 22.38
N LYS A 87 6.72 30.83 23.58
CA LYS A 87 5.85 30.59 24.76
C LYS A 87 5.30 31.96 25.13
N VAL A 88 4.24 32.38 24.44
CA VAL A 88 3.72 33.75 24.65
C VAL A 88 2.20 33.72 24.51
N ASP A 89 1.55 34.87 24.66
CA ASP A 89 0.07 34.94 24.57
C ASP A 89 -0.35 34.73 23.11
N GLN A 90 -1.60 34.33 22.89
CA GLN A 90 -2.07 34.03 21.51
C GLN A 90 -1.98 35.27 20.63
N GLY A 91 -2.15 36.46 21.21
CA GLY A 91 -2.07 37.70 20.43
C GLY A 91 -0.72 37.87 19.80
N THR A 92 0.33 37.66 20.59
CA THR A 92 1.71 37.84 20.08
C THR A 92 1.98 36.81 18.98
N LEU A 93 1.49 35.59 19.16
CA LEU A 93 1.67 34.52 18.15
C LEU A 93 0.99 34.97 16.84
N PHE A 94 -0.24 35.45 16.93
CA PHE A 94 -0.99 35.93 15.74
C PHE A 94 -0.17 36.98 15.00
N GLU A 95 0.42 37.91 15.73
CA GLU A 95 1.15 39.02 15.08
C GLU A 95 2.49 38.54 14.54
N LEU A 96 3.07 37.51 15.16
CA LEU A 96 4.35 36.93 14.66
C LEU A 96 4.08 36.18 13.36
N ILE A 97 2.94 35.49 13.25
CA ILE A 97 2.58 34.80 11.97
C ILE A 97 2.43 35.86 10.88
N LEU A 98 1.75 36.97 11.17
CA LEU A 98 1.49 38.00 10.13
C LEU A 98 2.79 38.71 9.75
N ALA A 99 3.68 38.94 10.71
CA ALA A 99 4.92 39.67 10.41
C ALA A 99 5.84 38.76 9.61
N ALA A 100 5.82 37.46 9.92
CA ALA A 100 6.64 36.51 9.16
C ALA A 100 6.14 36.43 7.72
N ASN A 101 4.82 36.42 7.52
CA ASN A 101 4.27 36.41 6.15
C ASN A 101 4.64 37.71 5.45
N TYR A 102 4.49 38.83 6.12
CA TYR A 102 4.76 40.15 5.50
C TYR A 102 6.25 40.26 5.19
N LEU A 103 7.10 39.84 6.11
CA LEU A 103 8.57 39.99 5.93
C LEU A 103 9.14 38.85 5.09
N ASP A 104 8.40 37.76 4.91
CA ASP A 104 8.88 36.56 4.17
C ASP A 104 10.00 35.87 4.93
N ILE A 105 9.75 35.50 6.19
CA ILE A 105 10.74 34.72 6.98
C ILE A 105 10.13 33.33 7.09
N LYS A 106 10.43 32.46 6.12
CA LYS A 106 9.84 31.09 6.08
C LYS A 106 10.09 30.37 7.40
N GLY A 107 11.28 30.55 7.96
CA GLY A 107 11.58 29.96 9.27
C GLY A 107 10.52 30.33 10.28
N LEU A 108 10.49 31.60 10.71
CA LEU A 108 9.52 32.05 11.74
C LEU A 108 8.13 31.55 11.36
N LEU A 109 7.70 31.78 10.12
CA LEU A 109 6.33 31.39 9.71
C LEU A 109 6.07 29.94 10.11
N ASP A 110 7.00 29.03 9.81
CA ASP A 110 6.74 27.63 10.08
C ASP A 110 6.72 27.34 11.58
N VAL A 111 7.77 27.77 12.28
CA VAL A 111 7.85 27.55 13.73
C VAL A 111 6.60 28.08 14.42
N THR A 112 6.10 29.24 13.97
CA THR A 112 4.93 29.84 14.59
C THR A 112 3.66 29.11 14.21
N CYS A 113 3.48 28.80 12.93
CA CYS A 113 2.31 28.04 12.51
C CYS A 113 2.30 26.65 13.12
N LYS A 114 3.47 25.99 13.20
CA LYS A 114 3.54 24.69 13.83
C LYS A 114 3.14 24.78 15.30
N THR A 115 3.53 25.87 15.98
CA THR A 115 3.18 26.02 17.38
C THR A 115 1.68 26.10 17.59
N VAL A 116 0.95 26.62 16.60
CA VAL A 116 -0.50 26.71 16.69
C VAL A 116 -1.15 25.36 16.40
N ALA A 117 -0.70 24.69 15.33
CA ALA A 117 -1.23 23.36 15.02
C ALA A 117 -1.10 22.43 16.23
N ASN A 118 0.02 22.53 16.96
CA ASN A 118 0.23 21.68 18.12
C ASN A 118 -0.83 21.88 19.17
N MET A 119 -1.44 23.06 19.22
CA MET A 119 -2.53 23.31 20.20
C MET A 119 -3.82 22.60 19.77
N ILE A 120 -3.82 21.98 18.58
CA ILE A 120 -5.03 21.30 18.05
C ILE A 120 -4.77 19.79 18.01
N LYS A 121 -3.50 19.36 18.04
CA LYS A 121 -3.16 17.92 17.89
C LYS A 121 -3.98 17.04 18.84
N GLY A 122 -3.79 17.14 20.15
CA GLY A 122 -4.71 16.40 21.05
C GLY A 122 -6.06 16.94 20.71
N LYS A 123 -6.93 16.13 20.13
CA LYS A 123 -8.14 16.76 19.57
C LYS A 123 -9.48 16.15 19.95
N THR A 124 -10.28 16.91 20.68
CA THR A 124 -11.68 16.50 20.91
C THR A 124 -12.40 17.75 20.45
N PRO A 125 -13.43 17.70 19.58
CA PRO A 125 -14.04 18.92 19.08
C PRO A 125 -14.27 19.95 20.21
N GLU A 126 -14.78 19.49 21.34
CA GLU A 126 -15.06 20.38 22.49
C GLU A 126 -13.76 20.89 23.11
N GLU A 127 -12.72 20.06 23.13
CA GLU A 127 -11.44 20.46 23.78
C GLU A 127 -10.79 21.56 22.97
N ILE A 128 -10.93 21.50 21.64
CA ILE A 128 -10.32 22.55 20.77
C ILE A 128 -11.14 23.83 20.95
N ARG A 129 -12.46 23.69 21.01
CA ARG A 129 -13.33 24.87 21.24
C ARG A 129 -12.88 25.56 22.52
N LYS A 130 -12.69 24.82 23.61
CA LYS A 130 -12.30 25.39 24.89
C LYS A 130 -10.94 26.06 24.80
N THR A 131 -10.04 25.53 23.98
CA THR A 131 -8.70 26.09 23.88
C THR A 131 -8.64 27.32 22.97
N PHE A 132 -9.56 27.45 22.02
CA PHE A 132 -9.55 28.55 21.06
C PHE A 132 -10.70 29.52 21.28
N ASN A 133 -11.52 29.30 22.29
CA ASN A 133 -12.74 30.07 22.54
C ASN A 133 -13.62 30.08 21.29
N ILE A 134 -14.10 28.90 20.95
CA ILE A 134 -14.95 28.70 19.79
C ILE A 134 -16.36 28.41 20.27
N LYS A 135 -17.35 28.83 19.49
CA LYS A 135 -18.75 28.56 19.79
C LYS A 135 -19.29 27.55 18.78
N ASN A 136 -19.88 26.49 19.29
CA ASN A 136 -20.42 25.45 18.42
C ASN A 136 -21.69 26.00 17.75
N ASP A 137 -21.52 26.51 16.53
CA ASP A 137 -22.64 27.10 15.76
C ASP A 137 -23.41 26.02 15.02
N PHE A 138 -23.04 24.75 15.24
CA PHE A 138 -23.68 23.66 14.48
C PHE A 138 -25.07 23.39 15.05
N THR A 139 -26.05 23.20 14.17
CA THR A 139 -27.42 22.84 14.63
C THR A 139 -27.42 21.39 15.12
N GLU A 140 -28.50 20.98 15.76
CA GLU A 140 -28.62 19.60 16.30
C GLU A 140 -28.30 18.60 15.19
N GLU A 141 -29.02 18.68 14.07
CA GLU A 141 -28.82 17.74 12.95
C GLU A 141 -27.43 17.93 12.35
N GLU A 142 -27.04 19.18 12.10
CA GLU A 142 -25.75 19.46 11.42
C GLU A 142 -24.62 18.73 12.16
N GLU A 143 -24.51 18.90 13.48
CA GLU A 143 -23.39 18.31 14.23
C GLU A 143 -23.34 16.80 13.97
N ALA A 144 -24.50 16.15 14.00
CA ALA A 144 -24.54 14.68 13.80
C ALA A 144 -23.98 14.33 12.43
N GLN A 145 -24.49 14.98 11.38
CA GLN A 145 -23.98 14.73 10.02
C GLN A 145 -22.47 14.96 9.99
N VAL A 146 -21.98 15.98 10.69
CA VAL A 146 -20.53 16.31 10.65
C VAL A 146 -19.72 15.17 11.30
N ARG A 147 -20.20 14.58 12.39
CA ARG A 147 -19.50 13.46 12.98
C ARG A 147 -19.68 12.19 12.17
N LYS A 148 -20.90 11.94 11.68
CA LYS A 148 -21.10 10.88 10.69
C LYS A 148 -20.12 11.01 9.53
N GLU A 149 -19.76 12.24 9.17
CA GLU A 149 -18.93 12.45 7.99
C GLU A 149 -17.46 12.30 8.29
N ASN A 150 -16.99 12.93 9.37
CA ASN A 150 -15.58 12.82 9.74
C ASN A 150 -15.36 11.66 10.69
N GLN A 151 -16.05 10.57 10.37
CA GLN A 151 -16.10 9.39 11.22
C GLN A 151 -14.76 8.66 11.26
N TRP A 152 -14.29 8.38 12.47
CA TRP A 152 -13.01 7.69 12.66
C TRP A 152 -13.16 6.39 13.47
N THR B 13 -10.38 28.55 -4.27
CA THR B 13 -11.59 29.36 -4.26
C THR B 13 -12.83 28.55 -3.85
N GLN B 14 -12.71 27.24 -3.70
CA GLN B 14 -13.82 26.48 -3.16
C GLN B 14 -14.14 26.92 -1.74
N VAL B 15 -13.15 27.45 -1.03
CA VAL B 15 -13.35 27.91 0.34
C VAL B 15 -13.91 29.33 0.37
N LYS B 16 -13.44 30.21 -0.53
CA LYS B 16 -14.04 31.53 -0.63
C LYS B 16 -15.51 31.42 -0.95
N HIS B 17 -15.81 30.68 -2.00
CA HIS B 17 -17.18 30.31 -2.33
C HIS B 17 -17.99 29.94 -1.10
N MET B 18 -17.43 29.06 -0.28
CA MET B 18 -18.14 28.53 0.89
C MET B 18 -18.45 29.64 1.87
N MET B 19 -17.50 30.56 2.07
CA MET B 19 -17.62 31.56 3.13
C MET B 19 -18.82 32.46 2.88
N GLN B 20 -18.96 32.95 1.66
CA GLN B 20 -19.98 33.93 1.34
C GLN B 20 -21.36 33.30 1.17
N VAL B 21 -21.43 32.02 0.83
CA VAL B 21 -22.73 31.37 0.64
C VAL B 21 -23.27 30.79 1.94
N ILE B 22 -22.40 30.32 2.85
CA ILE B 22 -22.88 29.90 4.15
C ILE B 22 -22.97 31.08 5.11
N GLU B 23 -22.08 32.07 4.96
CA GLU B 23 -22.04 33.23 5.84
C GLU B 23 -22.08 32.76 7.30
N PRO B 24 -21.04 32.10 7.78
CA PRO B 24 -21.03 31.67 9.20
C PRO B 24 -21.05 32.85 10.15
N GLN B 25 -21.32 32.54 11.43
CA GLN B 25 -21.36 33.55 12.47
C GLN B 25 -19.98 34.19 12.65
N PHE B 26 -19.94 35.24 13.47
CA PHE B 26 -18.67 35.85 13.85
C PHE B 26 -17.98 34.98 14.87
N GLN B 27 -16.67 34.85 14.73
CA GLN B 27 -15.93 33.95 15.64
C GLN B 27 -14.79 34.74 16.27
N ARG B 28 -14.37 34.33 17.46
CA ARG B 28 -13.31 35.04 18.20
C ARG B 28 -12.10 34.12 18.29
N ASP B 29 -11.92 33.26 17.29
CA ASP B 29 -10.83 32.28 17.38
C ASP B 29 -9.68 32.64 16.46
N PHE B 30 -8.46 32.35 16.89
CA PHE B 30 -7.23 32.61 16.11
C PHE B 30 -7.40 32.30 14.62
N ILE B 31 -7.82 31.10 14.27
CA ILE B 31 -7.82 30.69 12.83
C ILE B 31 -8.99 31.30 12.06
N SER B 32 -10.07 31.66 12.74
CA SER B 32 -11.18 32.36 12.04
C SER B 32 -10.77 33.77 11.65
N LEU B 33 -9.81 34.36 12.37
CA LEU B 33 -9.44 35.76 12.12
C LEU B 33 -8.15 35.83 11.31
N LEU B 34 -7.50 34.68 11.11
CA LEU B 34 -6.27 34.64 10.30
C LEU B 34 -6.64 34.74 8.83
N PRO B 35 -5.81 35.38 7.96
CA PRO B 35 -6.04 35.35 6.53
C PRO B 35 -6.31 33.89 6.13
N LYS B 36 -7.30 33.63 5.26
CA LYS B 36 -7.72 32.25 5.02
C LYS B 36 -6.54 31.37 4.62
N GLU B 37 -5.60 31.91 3.82
CA GLU B 37 -4.46 31.11 3.36
C GLU B 37 -3.55 30.71 4.51
N LEU B 38 -3.17 31.66 5.37
CA LEU B 38 -2.33 31.33 6.52
C LEU B 38 -3.01 30.37 7.46
N ALA B 39 -4.33 30.40 7.55
CA ALA B 39 -5.04 29.39 8.33
C ALA B 39 -4.81 28.01 7.74
N LEU B 40 -5.05 27.85 6.44
CA LEU B 40 -4.79 26.57 5.79
C LEU B 40 -3.35 26.14 6.01
N TYR B 41 -2.41 27.09 5.90
CA TYR B 41 -1.01 26.75 6.14
C TYR B 41 -0.80 26.22 7.55
N VAL B 42 -1.56 26.73 8.52
CA VAL B 42 -1.46 26.18 9.87
C VAL B 42 -2.17 24.85 9.95
N LEU B 43 -3.36 24.77 9.38
CA LEU B 43 -4.10 23.52 9.35
C LEU B 43 -3.31 22.40 8.67
N SER B 44 -2.36 22.75 7.79
CA SER B 44 -1.64 21.72 7.06
C SER B 44 -0.63 20.98 7.93
N PHE B 45 -0.14 21.58 9.01
CA PHE B 45 0.78 20.88 9.91
C PHE B 45 0.10 19.75 10.69
N LEU B 46 -1.17 19.50 10.46
CA LEU B 46 -1.91 18.48 11.20
C LEU B 46 -1.96 17.17 10.43
N GLU B 47 -2.21 16.11 11.17
CA GLU B 47 -2.45 14.79 10.62
C GLU B 47 -3.94 14.62 10.31
N PRO B 48 -4.28 13.84 9.28
CA PRO B 48 -5.70 13.65 8.95
C PRO B 48 -6.59 13.34 10.15
N LYS B 49 -6.12 12.58 11.14
CA LYS B 49 -6.97 12.32 12.29
C LYS B 49 -7.32 13.61 13.01
N ASP B 50 -6.44 14.60 12.95
CA ASP B 50 -6.69 15.90 13.57
C ASP B 50 -7.63 16.74 12.73
N LEU B 51 -7.30 16.93 11.46
CA LEU B 51 -8.19 17.63 10.54
C LEU B 51 -9.63 17.12 10.71
N LEU B 52 -9.81 15.81 10.90
CA LEU B 52 -11.17 15.30 11.01
C LEU B 52 -11.84 15.77 12.30
N GLN B 53 -11.05 15.92 13.37
CA GLN B 53 -11.58 16.45 14.61
C GLN B 53 -11.79 17.96 14.51
N ALA B 54 -10.81 18.66 13.95
CA ALA B 54 -10.93 20.11 13.77
C ALA B 54 -12.18 20.47 12.97
N ALA B 55 -12.55 19.64 12.00
CA ALA B 55 -13.71 19.97 11.16
C ALA B 55 -15.01 19.99 11.97
N GLN B 56 -14.98 19.56 13.22
CA GLN B 56 -16.26 19.43 13.97
C GLN B 56 -16.38 20.52 15.05
N THR B 57 -15.44 21.45 15.09
CA THR B 57 -15.48 22.54 16.09
C THR B 57 -16.55 23.55 15.70
N CYS B 58 -16.51 24.08 14.48
CA CYS B 58 -17.49 25.08 14.01
C CYS B 58 -17.61 25.04 12.49
N ARG B 59 -18.55 25.78 11.93
CA ARG B 59 -18.81 25.75 10.46
C ARG B 59 -17.64 26.36 9.70
N TYR B 60 -17.02 27.41 10.24
CA TYR B 60 -15.88 28.07 9.58
C TYR B 60 -14.75 27.04 9.46
N TRP B 61 -14.51 26.29 10.53
CA TRP B 61 -13.40 25.31 10.54
C TRP B 61 -13.73 24.15 9.59
N ARG B 62 -14.97 23.70 9.56
CA ARG B 62 -15.39 22.62 8.63
C ARG B 62 -15.10 23.07 7.19
N ILE B 63 -15.41 24.32 6.87
CA ILE B 63 -15.19 24.84 5.49
C ILE B 63 -13.69 24.87 5.21
N LEU B 64 -12.91 25.37 6.15
CA LEU B 64 -11.45 25.48 5.94
C LEU B 64 -10.85 24.09 5.78
N ALA B 65 -11.27 23.12 6.60
CA ALA B 65 -10.68 21.77 6.58
C ALA B 65 -11.19 20.95 5.40
N GLU B 66 -11.90 21.55 4.45
CA GLU B 66 -12.31 20.82 3.23
C GLU B 66 -11.57 21.42 2.04
N ASP B 67 -10.50 22.14 2.32
CA ASP B 67 -9.66 22.65 1.20
C ASP B 67 -9.18 21.46 0.41
N ASN B 68 -9.51 21.43 -0.86
CA ASN B 68 -9.16 20.29 -1.70
C ASN B 68 -7.65 20.03 -1.71
N LEU B 69 -6.85 21.09 -1.88
CA LEU B 69 -5.42 20.86 -2.03
C LEU B 69 -4.74 20.48 -0.72
N LEU B 70 -5.40 20.66 0.43
CA LEU B 70 -4.88 20.12 1.68
C LEU B 70 -5.04 18.61 1.74
N TRP B 71 -6.09 18.08 1.11
CA TRP B 71 -6.33 16.64 1.11
C TRP B 71 -5.69 15.93 -0.08
N ARG B 72 -5.62 16.59 -1.25
CA ARG B 72 -4.80 16.04 -2.33
C ARG B 72 -3.42 15.69 -1.80
N GLU B 73 -2.92 16.45 -0.82
CA GLU B 73 -1.60 16.20 -0.26
C GLU B 73 -1.64 15.07 0.76
N LYS B 74 -2.66 15.03 1.61
CA LYS B 74 -2.77 13.94 2.57
C LYS B 74 -2.97 12.59 1.87
N CYS B 75 -3.54 12.60 0.66
CA CYS B 75 -3.70 11.37 -0.11
C CYS B 75 -2.37 10.97 -0.77
N LYS B 76 -1.77 11.89 -1.53
CA LYS B 76 -0.43 11.65 -2.06
C LYS B 76 0.48 11.10 -0.96
N GLU B 77 0.39 11.65 0.24
CA GLU B 77 1.01 11.12 1.45
C GLU B 77 0.80 9.62 1.59
N GLU B 78 -0.46 9.21 1.77
CA GLU B 78 -0.84 7.83 2.04
C GLU B 78 -0.94 6.96 0.79
N GLY B 79 -0.35 7.38 -0.33
CA GLY B 79 -0.45 6.61 -1.56
C GLY B 79 -1.85 6.49 -2.12
N ILE B 80 -2.65 7.54 -2.01
CA ILE B 80 -3.96 7.62 -2.61
C ILE B 80 -3.85 8.61 -3.75
N ASP B 81 -3.91 8.11 -4.99
CA ASP B 81 -3.50 8.88 -6.15
C ASP B 81 -4.68 9.34 -7.02
N GLU B 82 -5.91 9.02 -6.64
CA GLU B 82 -7.07 9.37 -7.44
C GLU B 82 -8.19 9.90 -6.55
N PRO B 83 -8.83 10.99 -6.93
CA PRO B 83 -9.94 11.52 -6.13
C PRO B 83 -11.18 10.64 -6.28
N LEU B 84 -12.01 10.66 -5.26
CA LEU B 84 -13.29 9.98 -5.30
C LEU B 84 -14.37 10.99 -5.68
N HIS B 85 -15.42 10.50 -6.34
CA HIS B 85 -16.54 11.35 -6.72
C HIS B 85 -17.84 10.63 -6.41
N ILE B 86 -18.93 11.40 -6.29
CA ILE B 86 -20.26 10.87 -6.00
C ILE B 86 -21.27 11.60 -6.88
N LYS B 87 -22.52 11.16 -6.84
CA LYS B 87 -23.60 11.82 -7.60
C LYS B 87 -24.83 12.08 -6.72
N PRO B 94 -29.08 23.89 3.98
CA PRO B 94 -27.93 24.46 3.28
C PRO B 94 -27.17 23.40 2.50
N GLY B 95 -26.05 23.79 1.87
CA GLY B 95 -25.29 22.91 1.03
C GLY B 95 -23.80 22.99 1.33
N PHE B 96 -23.06 22.00 0.81
CA PHE B 96 -21.64 21.85 1.10
C PHE B 96 -20.92 21.45 -0.16
N ILE B 97 -19.68 21.91 -0.30
CA ILE B 97 -18.82 21.54 -1.41
C ILE B 97 -17.80 20.56 -0.86
N HIS B 98 -17.98 19.28 -1.15
CA HIS B 98 -17.10 18.28 -0.58
C HIS B 98 -15.82 18.16 -1.38
N SER B 99 -14.73 17.86 -0.69
CA SER B 99 -13.46 17.63 -1.35
C SER B 99 -13.39 16.18 -1.84
N PRO B 100 -13.14 15.95 -3.14
CA PRO B 100 -12.98 14.56 -3.60
C PRO B 100 -11.75 13.88 -3.01
N TRP B 101 -10.65 14.61 -2.84
CA TRP B 101 -9.50 14.04 -2.15
C TRP B 101 -9.87 13.64 -0.73
N LYS B 102 -10.73 14.42 -0.07
CA LYS B 102 -11.09 14.09 1.30
C LYS B 102 -12.00 12.87 1.33
N SER B 103 -12.96 12.78 0.42
CA SER B 103 -13.78 11.58 0.39
C SER B 103 -12.96 10.37 -0.05
N ALA B 104 -12.02 10.57 -0.98
CA ALA B 104 -11.08 9.52 -1.31
C ALA B 104 -10.30 9.05 -0.08
N TYR B 105 -9.78 9.99 0.72
CA TYR B 105 -9.03 9.60 1.92
C TYR B 105 -9.92 8.86 2.92
N ILE B 106 -11.10 9.38 3.21
CA ILE B 106 -11.96 8.73 4.19
C ILE B 106 -12.34 7.34 3.70
N ARG B 107 -12.72 7.21 2.43
CA ARG B 107 -13.11 5.91 1.89
C ARG B 107 -12.07 4.85 2.22
N GLN B 108 -10.78 5.19 2.09
CA GLN B 108 -9.72 4.23 2.32
C GLN B 108 -9.59 3.89 3.80
N HIS B 109 -9.64 4.91 4.68
CA HIS B 109 -9.59 4.63 6.11
C HIS B 109 -10.77 3.75 6.53
N ARG B 110 -11.90 3.91 5.86
CA ARG B 110 -13.05 3.08 6.16
C ARG B 110 -12.84 1.65 5.69
N ILE B 111 -12.38 1.48 4.44
CA ILE B 111 -12.01 0.16 3.94
C ILE B 111 -11.05 -0.54 4.91
N ASP B 112 -9.96 0.14 5.28
CA ASP B 112 -8.99 -0.44 6.20
C ASP B 112 -9.66 -0.89 7.49
N THR B 113 -10.47 -0.02 8.10
CA THR B 113 -11.19 -0.38 9.31
C THR B 113 -12.11 -1.57 9.07
N ASN B 114 -12.71 -1.61 7.89
CA ASN B 114 -13.58 -2.74 7.54
C ASN B 114 -12.83 -4.07 7.62
N TRP B 115 -11.68 -4.19 6.93
CA TRP B 115 -10.84 -5.38 7.07
C TRP B 115 -10.49 -5.62 8.52
N ARG B 116 -10.04 -4.57 9.20
CA ARG B 116 -9.42 -4.75 10.50
C ARG B 116 -10.43 -5.23 11.55
N ARG B 117 -11.57 -4.53 11.68
CA ARG B 117 -12.56 -4.88 12.70
C ARG B 117 -13.99 -4.84 12.18
N GLY B 118 -14.21 -4.81 10.87
CA GLY B 118 -15.58 -4.76 10.38
C GLY B 118 -16.27 -6.12 10.46
N GLU B 119 -17.54 -6.08 10.85
CA GLU B 119 -18.37 -7.28 10.86
C GLU B 119 -18.24 -8.06 9.55
N LEU B 120 -18.01 -9.36 9.68
CA LEU B 120 -17.72 -10.20 8.51
C LEU B 120 -19.03 -10.61 7.84
N LYS B 121 -19.38 -9.93 6.76
CA LYS B 121 -20.55 -10.36 6.01
C LYS B 121 -20.30 -11.72 5.37
N SER B 122 -21.29 -12.60 5.44
CA SER B 122 -21.12 -13.96 4.93
C SER B 122 -20.69 -13.92 3.47
N PRO B 123 -19.67 -14.66 3.08
CA PRO B 123 -19.09 -14.51 1.74
C PRO B 123 -19.90 -15.23 0.68
N LYS B 124 -19.71 -14.79 -0.57
CA LYS B 124 -20.26 -15.50 -1.71
C LYS B 124 -19.57 -16.83 -1.87
N VAL B 125 -20.36 -17.90 -1.93
CA VAL B 125 -19.82 -19.25 -2.10
C VAL B 125 -19.85 -19.60 -3.58
N LEU B 126 -18.68 -19.96 -4.13
CA LEU B 126 -18.51 -20.28 -5.55
C LEU B 126 -18.17 -21.76 -5.67
N LYS B 127 -19.21 -22.60 -5.71
CA LYS B 127 -19.02 -24.04 -5.77
C LYS B 127 -18.53 -24.44 -7.16
N GLY B 128 -17.47 -25.24 -7.22
CA GLY B 128 -16.95 -25.70 -8.49
C GLY B 128 -15.78 -26.61 -8.23
N HIS B 129 -15.37 -27.31 -9.28
CA HIS B 129 -14.23 -28.22 -9.23
C HIS B 129 -14.47 -29.38 -8.26
N ASP B 130 -15.75 -29.78 -8.13
CA ASP B 130 -16.17 -30.79 -7.14
C ASP B 130 -15.13 -31.88 -6.99
N ASP B 131 -14.74 -32.15 -5.75
CA ASP B 131 -13.85 -33.25 -5.42
C ASP B 131 -12.50 -33.13 -6.12
N HIS B 132 -12.06 -31.91 -6.40
CA HIS B 132 -10.70 -31.71 -6.85
C HIS B 132 -10.07 -30.52 -6.14
N VAL B 133 -8.79 -30.38 -6.40
CA VAL B 133 -7.97 -29.28 -5.91
C VAL B 133 -8.02 -28.08 -6.85
N ILE B 134 -7.95 -26.89 -6.25
CA ILE B 134 -7.74 -25.64 -6.98
C ILE B 134 -6.25 -25.34 -6.92
N THR B 135 -5.52 -25.64 -7.98
CA THR B 135 -4.07 -25.56 -8.03
C THR B 135 -3.52 -24.16 -8.31
N CYS B 136 -4.33 -23.24 -8.81
CA CYS B 136 -3.82 -21.91 -9.10
C CYS B 136 -4.99 -20.96 -9.19
N LEU B 137 -4.74 -19.70 -8.82
CA LEU B 137 -5.80 -18.72 -8.61
C LEU B 137 -5.37 -17.36 -9.15
N GLN B 138 -6.27 -16.70 -9.90
CA GLN B 138 -6.00 -15.36 -10.39
C GLN B 138 -7.19 -14.47 -10.11
N PHE B 139 -6.90 -13.18 -9.90
CA PHE B 139 -7.91 -12.18 -9.54
C PHE B 139 -7.52 -10.88 -10.24
N CYS B 140 -8.32 -10.44 -11.23
CA CYS B 140 -8.09 -9.22 -12.01
C CYS B 140 -9.39 -8.44 -12.10
N GLY B 141 -9.39 -7.21 -11.58
CA GLY B 141 -10.62 -6.44 -11.60
C GLY B 141 -11.79 -7.21 -11.02
N ASN B 142 -12.74 -7.61 -11.86
CA ASN B 142 -13.90 -8.34 -11.39
C ASN B 142 -13.92 -9.81 -11.82
N ARG B 143 -12.83 -10.31 -12.41
CA ARG B 143 -12.76 -11.69 -12.87
C ARG B 143 -11.85 -12.52 -11.96
N ILE B 144 -12.35 -13.67 -11.53
CA ILE B 144 -11.58 -14.69 -10.83
C ILE B 144 -11.36 -15.85 -11.78
N VAL B 145 -10.17 -16.44 -11.76
CA VAL B 145 -9.88 -17.65 -12.53
C VAL B 145 -9.31 -18.73 -11.62
N SER B 146 -10.11 -19.79 -11.39
CA SER B 146 -9.66 -20.98 -10.66
C SER B 146 -9.09 -22.03 -11.60
N GLY B 147 -7.91 -22.58 -11.28
CA GLY B 147 -7.32 -23.67 -12.07
C GLY B 147 -7.30 -24.94 -11.26
N SER B 148 -7.46 -26.10 -11.89
CA SER B 148 -7.61 -27.35 -11.09
C SER B 148 -7.00 -28.60 -11.72
N ASP B 149 -6.89 -29.66 -10.92
CA ASP B 149 -6.41 -30.96 -11.44
C ASP B 149 -7.59 -31.70 -12.06
N ASP B 150 -8.75 -31.05 -12.16
CA ASP B 150 -9.93 -31.64 -12.84
C ASP B 150 -9.77 -31.43 -14.35
N ASN B 151 -8.63 -30.88 -14.78
CA ASN B 151 -8.31 -30.62 -16.22
C ASN B 151 -8.95 -29.30 -16.67
N THR B 152 -9.76 -28.68 -15.84
CA THR B 152 -10.49 -27.47 -16.30
C THR B 152 -10.08 -26.21 -15.54
N LEU B 153 -10.35 -25.05 -16.14
CA LEU B 153 -10.15 -23.76 -15.44
C LEU B 153 -11.53 -23.13 -15.46
N LYS B 154 -11.81 -22.19 -14.56
CA LYS B 154 -13.16 -21.60 -14.51
C LYS B 154 -13.01 -20.08 -14.32
N VAL B 155 -13.76 -19.30 -15.08
CA VAL B 155 -13.72 -17.81 -14.98
C VAL B 155 -14.99 -17.36 -14.26
N TRP B 156 -14.84 -16.56 -13.20
CA TRP B 156 -16.01 -16.17 -12.38
C TRP B 156 -16.12 -14.66 -12.24
N SER B 157 -17.28 -14.20 -11.80
CA SER B 157 -17.43 -12.75 -11.50
C SER B 157 -17.33 -12.61 -9.98
N ALA B 158 -16.47 -11.69 -9.53
CA ALA B 158 -16.29 -11.44 -8.09
C ALA B 158 -17.50 -10.69 -7.56
N VAL B 159 -18.26 -10.07 -8.46
CA VAL B 159 -19.41 -9.22 -8.04
C VAL B 159 -20.68 -10.07 -7.95
N THR B 160 -20.81 -11.09 -8.80
CA THR B 160 -22.07 -11.87 -8.84
C THR B 160 -21.86 -13.24 -8.20
N GLY B 161 -20.65 -13.78 -8.33
CA GLY B 161 -20.37 -15.13 -7.81
C GLY B 161 -20.76 -16.18 -8.83
N LYS B 162 -20.99 -15.77 -10.08
CA LYS B 162 -21.48 -16.72 -11.09
C LYS B 162 -20.33 -17.18 -11.98
N CYS B 163 -20.30 -18.46 -12.33
CA CYS B 163 -19.28 -18.95 -13.29
C CYS B 163 -19.69 -18.41 -14.65
N LEU B 164 -18.74 -17.86 -15.39
CA LEU B 164 -19.09 -17.23 -16.67
C LEU B 164 -18.56 -18.10 -17.79
N ARG B 165 -17.47 -18.81 -17.53
CA ARG B 165 -16.86 -19.68 -18.55
C ARG B 165 -16.15 -20.84 -17.88
N THR B 166 -16.21 -22.03 -18.47
CA THR B 166 -15.42 -23.17 -17.97
C THR B 166 -14.43 -23.50 -19.09
N LEU B 167 -13.15 -23.34 -18.83
CA LEU B 167 -12.15 -23.50 -19.90
C LEU B 167 -11.79 -24.96 -20.09
N VAL B 168 -12.57 -25.67 -20.92
CA VAL B 168 -12.31 -27.10 -21.22
C VAL B 168 -11.45 -27.21 -22.47
N GLY B 169 -10.42 -28.04 -22.43
CA GLY B 169 -9.55 -28.26 -23.58
C GLY B 169 -8.34 -29.06 -23.16
N HIS B 170 -7.98 -28.95 -21.88
CA HIS B 170 -6.77 -29.64 -21.38
C HIS B 170 -7.12 -31.10 -21.09
N THR B 171 -6.15 -32.00 -21.23
CA THR B 171 -6.38 -33.45 -20.99
C THR B 171 -5.72 -33.82 -19.67
N GLY B 172 -4.55 -33.24 -19.38
CA GLY B 172 -3.91 -33.43 -18.07
C GLY B 172 -4.38 -32.35 -17.12
N GLY B 173 -3.88 -32.33 -15.89
CA GLY B 173 -4.44 -31.37 -14.92
C GLY B 173 -3.76 -30.02 -14.94
N VAL B 174 -4.53 -28.95 -14.73
CA VAL B 174 -3.95 -27.57 -14.69
C VAL B 174 -3.19 -27.37 -13.39
N TRP B 175 -2.00 -26.77 -13.47
CA TRP B 175 -1.16 -26.56 -12.27
C TRP B 175 -0.52 -25.16 -12.27
N SER B 176 -0.56 -24.43 -13.39
CA SER B 176 -0.07 -23.06 -13.39
C SER B 176 -1.02 -22.17 -14.20
N SER B 177 -0.78 -20.87 -14.09
CA SER B 177 -1.80 -19.90 -14.48
C SER B 177 -1.14 -18.54 -14.57
N GLN B 178 -1.76 -17.67 -15.36
CA GLN B 178 -1.36 -16.29 -15.53
C GLN B 178 -2.50 -15.60 -16.21
N MET B 179 -2.65 -14.32 -15.93
CA MET B 179 -3.78 -13.56 -16.45
C MET B 179 -3.33 -12.10 -16.58
N ARG B 180 -3.62 -11.48 -17.73
CA ARG B 180 -3.37 -10.06 -17.87
C ARG B 180 -4.72 -9.35 -17.94
N ASP B 181 -5.33 -9.37 -19.10
CA ASP B 181 -6.62 -8.71 -19.27
C ASP B 181 -7.33 -9.56 -20.31
N ASN B 182 -8.25 -10.39 -19.86
CA ASN B 182 -8.98 -11.16 -20.85
C ASN B 182 -8.09 -12.14 -21.63
N ILE B 183 -6.79 -12.17 -21.32
CA ILE B 183 -5.94 -13.27 -21.74
C ILE B 183 -5.60 -14.11 -20.51
N ILE B 184 -5.84 -15.41 -20.61
CA ILE B 184 -5.49 -16.37 -19.59
C ILE B 184 -4.48 -17.33 -20.20
N ILE B 185 -3.42 -17.61 -19.47
CA ILE B 185 -2.52 -18.70 -19.79
C ILE B 185 -2.70 -19.81 -18.76
N SER B 186 -2.46 -21.04 -19.20
CA SER B 186 -2.65 -22.20 -18.33
C SER B 186 -1.53 -23.20 -18.62
N GLY B 187 -1.19 -24.00 -17.62
CA GLY B 187 -0.16 -25.04 -17.79
C GLY B 187 -0.70 -26.35 -17.27
N SER B 188 -0.25 -27.50 -17.80
CA SER B 188 -0.87 -28.78 -17.37
C SER B 188 0.10 -29.95 -17.39
N THR B 189 -0.39 -31.11 -16.97
CA THR B 189 0.43 -32.34 -17.01
C THR B 189 0.51 -32.72 -18.48
N ASP B 190 -0.57 -32.48 -19.23
CA ASP B 190 -0.43 -32.61 -20.70
C ASP B 190 0.64 -31.56 -20.93
N ARG B 191 1.79 -31.91 -21.51
CA ARG B 191 2.93 -30.97 -21.53
C ARG B 191 2.73 -29.72 -22.40
N THR B 192 1.50 -29.26 -22.53
CA THR B 192 1.18 -28.07 -23.33
C THR B 192 0.81 -26.87 -22.45
N LEU B 193 0.91 -25.67 -23.02
CA LEU B 193 0.44 -24.45 -22.32
C LEU B 193 -0.82 -24.09 -23.10
N LYS B 194 -1.60 -23.12 -22.65
CA LYS B 194 -2.77 -22.75 -23.47
C LYS B 194 -3.17 -21.30 -23.24
N VAL B 195 -3.21 -20.49 -24.32
CA VAL B 195 -3.72 -19.13 -24.24
C VAL B 195 -5.23 -19.19 -24.45
N TRP B 196 -5.96 -18.35 -23.74
CA TRP B 196 -7.42 -18.40 -23.71
C TRP B 196 -7.98 -16.99 -23.82
N ASN B 197 -9.22 -16.90 -24.27
CA ASN B 197 -9.95 -15.64 -24.30
C ASN B 197 -10.87 -15.69 -23.09
N ALA B 198 -10.52 -14.95 -22.04
CA ALA B 198 -11.30 -15.03 -20.82
C ALA B 198 -12.76 -14.67 -21.05
N GLU B 199 -13.04 -13.87 -22.07
CA GLU B 199 -14.41 -13.47 -22.36
C GLU B 199 -15.19 -14.61 -23.03
N THR B 200 -14.60 -15.23 -24.04
CA THR B 200 -15.25 -16.26 -24.85
C THR B 200 -14.78 -17.67 -24.52
N GLY B 201 -14.07 -17.85 -23.41
CA GLY B 201 -13.52 -19.18 -23.08
C GLY B 201 -13.04 -19.95 -24.30
N GLU B 202 -12.25 -19.30 -25.15
CA GLU B 202 -11.81 -19.96 -26.40
C GLU B 202 -10.30 -20.14 -26.39
N CYS B 203 -9.83 -21.37 -26.45
CA CYS B 203 -8.37 -21.58 -26.58
C CYS B 203 -7.95 -20.99 -27.92
N ILE B 204 -6.98 -20.08 -27.91
CA ILE B 204 -6.54 -19.40 -29.16
C ILE B 204 -5.22 -20.03 -29.58
N HIS B 205 -4.46 -20.54 -28.61
CA HIS B 205 -3.13 -21.13 -28.93
C HIS B 205 -2.84 -22.31 -28.01
N THR B 206 -2.26 -23.38 -28.54
CA THR B 206 -1.83 -24.53 -27.71
C THR B 206 -0.32 -24.55 -27.88
N LEU B 207 0.43 -24.44 -26.79
CA LEU B 207 1.90 -24.27 -26.94
C LEU B 207 2.63 -25.58 -26.69
N TYR B 208 3.29 -26.10 -27.72
CA TYR B 208 3.95 -27.42 -27.57
C TYR B 208 5.46 -27.23 -27.49
N GLY B 209 6.15 -28.15 -26.83
CA GLY B 209 7.59 -28.04 -26.70
C GLY B 209 8.15 -28.60 -25.41
N HIS B 210 7.32 -28.65 -24.37
CA HIS B 210 7.76 -29.16 -23.08
C HIS B 210 7.62 -30.69 -23.01
N THR B 211 8.70 -31.35 -22.59
CA THR B 211 8.76 -32.80 -22.46
C THR B 211 8.47 -33.28 -21.03
N SER B 212 7.71 -32.50 -20.25
CA SER B 212 7.34 -32.83 -18.87
C SER B 212 6.25 -31.85 -18.44
N THR B 213 5.71 -32.06 -17.23
CA THR B 213 4.61 -31.24 -16.73
C THR B 213 4.99 -29.76 -16.68
N VAL B 214 4.05 -28.90 -17.08
CA VAL B 214 4.28 -27.46 -17.16
C VAL B 214 3.86 -26.86 -15.82
N ARG B 215 4.86 -26.52 -15.02
CA ARG B 215 4.76 -26.42 -13.56
C ARG B 215 4.56 -24.98 -13.10
N CYS B 216 5.49 -24.10 -13.46
CA CYS B 216 5.37 -22.67 -13.23
C CYS B 216 5.35 -21.88 -14.55
N MET B 217 4.74 -20.70 -14.50
CA MET B 217 4.86 -19.74 -15.58
C MET B 217 4.83 -18.33 -15.03
N HIS B 218 5.46 -17.40 -15.75
CA HIS B 218 5.38 -15.99 -15.41
C HIS B 218 5.20 -15.15 -16.66
N LEU B 219 4.19 -14.29 -16.64
CA LEU B 219 3.75 -13.52 -17.80
C LEU B 219 4.19 -12.08 -17.60
N HIS B 220 5.13 -11.59 -18.39
CA HIS B 220 5.48 -10.18 -18.23
C HIS B 220 4.55 -9.26 -19.02
N GLU B 221 4.70 -9.21 -20.35
CA GLU B 221 3.79 -8.35 -21.09
C GLU B 221 3.09 -9.12 -22.19
N LYS B 222 3.76 -9.27 -23.33
CA LYS B 222 3.27 -10.11 -24.42
C LYS B 222 4.03 -11.43 -24.49
N ARG B 223 4.73 -11.79 -23.39
CA ARG B 223 5.56 -12.98 -23.33
C ARG B 223 5.37 -13.67 -22.00
N VAL B 224 5.19 -14.99 -22.03
CA VAL B 224 5.19 -15.84 -20.84
C VAL B 224 6.41 -16.75 -20.91
N VAL B 225 7.05 -16.94 -19.75
CA VAL B 225 8.08 -17.95 -19.57
C VAL B 225 7.48 -19.11 -18.78
N SER B 226 7.75 -20.33 -19.22
CA SER B 226 7.24 -21.51 -18.54
C SER B 226 8.41 -22.34 -18.04
N GLY B 227 8.26 -22.84 -16.80
CA GLY B 227 9.18 -23.80 -16.22
C GLY B 227 8.48 -25.15 -16.18
N SER B 228 9.27 -26.20 -16.35
CA SER B 228 8.65 -27.50 -16.57
C SER B 228 9.34 -28.57 -15.73
N ARG B 229 8.66 -29.70 -15.61
CA ARG B 229 9.29 -30.84 -14.96
C ARG B 229 10.41 -31.45 -15.80
N ASP B 230 10.61 -31.00 -17.05
CA ASP B 230 11.66 -31.47 -17.94
C ASP B 230 12.98 -30.73 -17.79
N ALA B 231 13.10 -29.82 -16.83
CA ALA B 231 14.32 -29.02 -16.56
C ALA B 231 14.53 -27.85 -17.53
N THR B 232 13.58 -27.57 -18.41
CA THR B 232 13.68 -26.45 -19.34
C THR B 232 12.66 -25.36 -19.02
N LEU B 233 12.97 -24.15 -19.46
CA LEU B 233 11.97 -23.11 -19.60
C LEU B 233 11.78 -22.77 -21.07
N ARG B 234 10.58 -22.28 -21.40
CA ARG B 234 10.27 -21.81 -22.73
C ARG B 234 9.63 -20.43 -22.69
N VAL B 235 10.16 -19.50 -23.48
CA VAL B 235 9.59 -18.18 -23.65
C VAL B 235 8.68 -18.20 -24.88
N TRP B 236 7.42 -17.81 -24.69
CA TRP B 236 6.36 -17.91 -25.68
C TRP B 236 5.79 -16.52 -25.97
N ASP B 237 5.21 -16.35 -27.17
CA ASP B 237 4.57 -15.10 -27.56
C ASP B 237 3.07 -15.25 -27.42
N ILE B 238 2.47 -14.56 -26.46
CA ILE B 238 1.04 -14.72 -26.21
C ILE B 238 0.23 -14.47 -27.47
N GLU B 239 0.71 -13.56 -28.32
CA GLU B 239 -0.06 -13.12 -29.48
C GLU B 239 0.04 -14.13 -30.61
N THR B 240 1.27 -14.41 -31.05
CA THR B 240 1.50 -15.30 -32.18
C THR B 240 1.34 -16.76 -31.79
N GLY B 241 1.84 -17.14 -30.60
CA GLY B 241 1.91 -18.52 -30.17
C GLY B 241 3.22 -19.19 -30.45
N GLN B 242 4.25 -18.44 -30.86
CA GLN B 242 5.55 -19.04 -31.14
C GLN B 242 6.32 -19.30 -29.85
N CYS B 243 7.44 -20.00 -30.00
CA CYS B 243 8.33 -20.30 -28.90
C CYS B 243 9.64 -19.58 -29.19
N LEU B 244 9.84 -18.45 -28.52
CA LEU B 244 10.97 -17.58 -28.84
C LEU B 244 12.30 -18.21 -28.40
N HIS B 245 12.35 -18.86 -27.25
CA HIS B 245 13.61 -19.46 -26.82
C HIS B 245 13.33 -20.63 -25.87
N VAL B 246 14.36 -21.46 -25.67
CA VAL B 246 14.29 -22.57 -24.73
C VAL B 246 15.55 -22.51 -23.89
N LEU B 247 15.38 -22.44 -22.57
CA LEU B 247 16.48 -22.27 -21.63
C LEU B 247 16.84 -23.65 -21.08
N MET B 248 18.04 -24.09 -21.41
CA MET B 248 18.51 -25.44 -21.06
C MET B 248 19.79 -25.29 -20.25
N GLY B 249 19.83 -25.98 -19.10
CA GLY B 249 20.94 -25.93 -18.16
C GLY B 249 20.57 -26.50 -16.79
N HIS B 250 19.29 -26.83 -16.58
CA HIS B 250 18.82 -27.28 -15.27
C HIS B 250 18.82 -28.79 -15.22
N VAL B 251 19.43 -29.33 -14.16
CA VAL B 251 19.41 -30.78 -13.89
C VAL B 251 18.02 -31.24 -13.49
N ALA B 252 17.50 -30.68 -12.39
CA ALA B 252 16.22 -31.13 -11.86
C ALA B 252 15.07 -30.30 -12.43
N ALA B 253 13.84 -30.72 -12.14
CA ALA B 253 12.66 -29.99 -12.60
C ALA B 253 12.69 -28.54 -12.10
N VAL B 254 12.00 -27.69 -12.86
CA VAL B 254 11.99 -26.26 -12.63
C VAL B 254 10.70 -25.92 -11.88
N ARG B 255 10.86 -25.38 -10.68
CA ARG B 255 9.76 -25.26 -9.74
C ARG B 255 9.11 -23.89 -9.80
N CYS B 256 9.92 -22.84 -9.81
CA CYS B 256 9.46 -21.47 -9.81
C CYS B 256 10.21 -20.66 -10.87
N VAL B 257 9.51 -19.63 -11.41
CA VAL B 257 10.04 -18.77 -12.47
C VAL B 257 9.62 -17.32 -12.23
N GLN B 258 10.51 -16.37 -12.54
CA GLN B 258 10.16 -14.97 -12.63
C GLN B 258 10.72 -14.33 -13.91
N TYR B 259 9.94 -13.44 -14.52
CA TYR B 259 10.32 -12.80 -15.77
C TYR B 259 9.92 -11.34 -15.70
N ASP B 260 10.90 -10.44 -15.77
CA ASP B 260 10.62 -9.01 -15.73
C ASP B 260 10.65 -8.36 -17.10
N GLY B 261 10.89 -9.15 -18.16
CA GLY B 261 11.04 -8.65 -19.50
C GLY B 261 12.48 -8.49 -19.95
N ARG B 262 13.42 -8.47 -19.01
CA ARG B 262 14.84 -8.29 -19.27
C ARG B 262 15.66 -9.52 -18.90
N ARG B 263 15.29 -10.21 -17.81
CA ARG B 263 15.96 -11.43 -17.39
C ARG B 263 14.92 -12.47 -16.98
N VAL B 264 15.27 -13.72 -17.16
CA VAL B 264 14.49 -14.81 -16.61
C VAL B 264 15.28 -15.37 -15.43
N VAL B 265 14.60 -15.51 -14.29
CA VAL B 265 15.17 -16.14 -13.11
C VAL B 265 14.37 -17.41 -12.85
N SER B 266 15.07 -18.52 -12.58
CA SER B 266 14.41 -19.81 -12.45
C SER B 266 14.95 -20.56 -11.24
N GLY B 267 14.09 -21.38 -10.65
CA GLY B 267 14.42 -22.17 -9.47
C GLY B 267 14.08 -23.64 -9.63
N ALA B 268 15.07 -24.52 -9.47
CA ALA B 268 14.89 -25.92 -9.85
C ALA B 268 15.11 -26.87 -8.66
N TYR B 269 14.55 -28.07 -8.78
CA TYR B 269 14.79 -29.06 -7.73
C TYR B 269 16.26 -29.45 -7.66
N ASP B 270 17.10 -28.91 -8.54
CA ASP B 270 18.53 -29.20 -8.48
C ASP B 270 19.29 -28.24 -7.57
N PHE B 271 18.58 -27.54 -6.68
CA PHE B 271 19.21 -26.70 -5.65
C PHE B 271 19.81 -25.44 -6.23
N MET B 272 19.45 -25.10 -7.46
CA MET B 272 20.16 -24.04 -8.14
C MET B 272 19.16 -22.98 -8.56
N VAL B 273 19.61 -21.72 -8.52
CA VAL B 273 18.89 -20.59 -9.11
C VAL B 273 19.64 -20.17 -10.36
N LYS B 274 18.95 -20.12 -11.49
CA LYS B 274 19.58 -19.73 -12.75
C LYS B 274 19.00 -18.42 -13.27
N VAL B 275 19.89 -17.48 -13.64
CA VAL B 275 19.52 -16.19 -14.24
C VAL B 275 19.85 -16.21 -15.74
N TRP B 276 18.85 -15.95 -16.57
CA TRP B 276 19.00 -16.01 -18.03
C TRP B 276 18.83 -14.66 -18.70
N ASP B 277 19.63 -14.40 -19.75
CA ASP B 277 19.22 -13.46 -20.78
C ASP B 277 18.46 -14.25 -21.84
N PRO B 278 17.15 -14.09 -21.97
CA PRO B 278 16.40 -14.96 -22.89
C PRO B 278 16.77 -14.78 -24.35
N GLU B 279 17.06 -13.55 -24.81
CA GLU B 279 17.27 -13.31 -26.23
C GLU B 279 18.39 -14.17 -26.79
N THR B 280 19.49 -14.27 -26.05
CA THR B 280 20.63 -15.09 -26.38
C THR B 280 20.47 -16.55 -25.93
N GLU B 281 19.34 -16.90 -25.30
CA GLU B 281 19.17 -18.24 -24.74
C GLU B 281 20.34 -18.61 -23.84
N THR B 282 20.98 -17.61 -23.24
CA THR B 282 22.19 -17.82 -22.47
C THR B 282 21.92 -17.81 -20.95
N CYS B 283 22.63 -18.65 -20.21
CA CYS B 283 22.54 -18.62 -18.76
C CYS B 283 23.60 -17.67 -18.24
N LEU B 284 23.16 -16.51 -17.75
CA LEU B 284 24.11 -15.50 -17.27
C LEU B 284 24.72 -15.85 -15.92
N HIS B 285 23.94 -16.48 -15.02
CA HIS B 285 24.42 -16.81 -13.67
C HIS B 285 23.76 -18.10 -13.19
N THR B 286 24.55 -18.93 -12.53
CA THR B 286 24.00 -20.05 -11.78
C THR B 286 24.25 -19.76 -10.30
N LEU B 287 23.19 -19.54 -9.53
CA LEU B 287 23.36 -19.11 -8.12
C LEU B 287 23.49 -20.34 -7.22
N GLN B 288 24.64 -20.48 -6.56
CA GLN B 288 24.91 -21.70 -5.77
C GLN B 288 24.87 -21.42 -4.27
N GLY B 289 24.18 -22.27 -3.53
CA GLY B 289 24.10 -22.12 -2.07
C GLY B 289 23.04 -23.01 -1.46
N HIS B 290 21.86 -23.03 -2.04
CA HIS B 290 20.75 -23.82 -1.46
C HIS B 290 21.16 -25.28 -1.38
N THR B 291 21.02 -25.88 -0.20
CA THR B 291 21.45 -27.28 0.02
C THR B 291 20.25 -28.18 -0.18
N ASN B 292 19.18 -27.69 -0.80
CA ASN B 292 18.01 -28.54 -1.11
C ASN B 292 17.19 -27.87 -2.21
N ARG B 293 16.13 -28.53 -2.65
CA ARG B 293 15.31 -28.03 -3.77
C ARG B 293 14.81 -26.61 -3.54
N VAL B 294 15.07 -25.69 -4.46
CA VAL B 294 14.48 -24.32 -4.36
C VAL B 294 13.04 -24.42 -4.85
N TYR B 295 12.10 -23.86 -4.10
CA TYR B 295 10.67 -24.04 -4.43
C TYR B 295 9.97 -22.71 -4.69
N SER B 296 10.57 -21.58 -4.29
CA SER B 296 9.84 -20.32 -4.40
C SER B 296 10.81 -19.21 -4.74
N LEU B 297 10.31 -18.20 -5.45
CA LEU B 297 11.17 -17.21 -6.08
C LEU B 297 10.47 -15.85 -6.15
N GLN B 298 11.22 -14.79 -5.89
CA GLN B 298 10.76 -13.44 -6.18
C GLN B 298 11.91 -12.67 -6.80
N PHE B 299 11.57 -11.66 -7.62
CA PHE B 299 12.57 -10.96 -8.40
C PHE B 299 12.06 -9.55 -8.67
N ASP B 300 12.88 -8.54 -8.38
CA ASP B 300 12.43 -7.17 -8.57
C ASP B 300 13.32 -6.41 -9.54
N GLY B 301 13.95 -7.10 -10.49
CA GLY B 301 14.90 -6.50 -11.40
C GLY B 301 16.25 -6.19 -10.80
N ILE B 302 16.41 -6.33 -9.49
CA ILE B 302 17.66 -6.02 -8.81
C ILE B 302 18.08 -7.18 -7.92
N HIS B 303 17.15 -7.67 -7.11
CA HIS B 303 17.42 -8.76 -6.17
C HIS B 303 16.66 -9.99 -6.60
N VAL B 304 17.35 -11.12 -6.61
CA VAL B 304 16.68 -12.41 -6.65
C VAL B 304 16.47 -12.84 -5.21
N VAL B 305 15.30 -13.36 -4.91
CA VAL B 305 15.04 -13.98 -3.62
C VAL B 305 14.56 -15.40 -3.87
N SER B 306 15.27 -16.36 -3.29
CA SER B 306 14.97 -17.79 -3.43
C SER B 306 14.68 -18.38 -2.06
N GLY B 307 13.66 -19.24 -2.02
CA GLY B 307 13.30 -19.94 -0.79
C GLY B 307 13.31 -21.44 -0.97
N SER B 308 14.00 -22.15 -0.07
CA SER B 308 14.35 -23.55 -0.31
C SER B 308 13.64 -24.49 0.67
N LEU B 309 13.53 -25.75 0.22
CA LEU B 309 13.22 -26.87 1.11
C LEU B 309 14.35 -27.14 2.10
N ASP B 310 15.40 -26.32 2.08
CA ASP B 310 16.47 -26.35 3.08
C ASP B 310 16.22 -25.38 4.23
N THR B 311 14.99 -24.84 4.34
CA THR B 311 14.51 -23.87 5.34
C THR B 311 15.18 -22.48 5.30
N SER B 312 16.13 -22.25 4.40
CA SER B 312 16.70 -20.91 4.25
C SER B 312 16.06 -20.15 3.09
N ILE B 313 16.26 -18.83 3.08
CA ILE B 313 15.88 -17.93 2.01
C ILE B 313 17.11 -17.11 1.68
N ARG B 314 17.45 -17.04 0.39
CA ARG B 314 18.65 -16.33 -0.03
C ARG B 314 18.31 -15.12 -0.91
N VAL B 315 19.06 -14.05 -0.73
CA VAL B 315 18.86 -12.78 -1.41
C VAL B 315 20.10 -12.53 -2.25
N TRP B 316 19.96 -12.55 -3.56
CA TRP B 316 21.11 -12.40 -4.44
C TRP B 316 21.04 -11.14 -5.28
N ASP B 317 22.24 -10.57 -5.54
CA ASP B 317 22.43 -9.54 -6.54
C ASP B 317 22.33 -10.15 -7.94
N VAL B 318 21.31 -9.74 -8.73
CA VAL B 318 21.16 -10.30 -10.07
C VAL B 318 22.31 -9.89 -10.99
N GLU B 319 22.94 -8.73 -10.76
CA GLU B 319 24.00 -8.28 -11.66
C GLU B 319 25.36 -8.95 -11.42
N THR B 320 25.65 -9.42 -10.20
CA THR B 320 26.92 -10.10 -9.96
C THR B 320 26.79 -11.59 -9.68
N GLY B 321 25.58 -12.10 -9.45
CA GLY B 321 25.42 -13.45 -8.94
C GLY B 321 25.77 -13.63 -7.47
N ASN B 322 26.17 -12.57 -6.77
CA ASN B 322 26.60 -12.64 -5.37
C ASN B 322 25.40 -12.79 -4.43
N CYS B 323 25.39 -13.85 -3.61
CA CYS B 323 24.52 -13.89 -2.45
C CYS B 323 24.78 -12.69 -1.54
N ILE B 324 23.72 -11.98 -1.15
CA ILE B 324 23.81 -10.76 -0.35
C ILE B 324 23.51 -11.01 1.12
N HIS B 325 22.56 -11.91 1.36
CA HIS B 325 22.03 -12.30 2.66
C HIS B 325 21.58 -13.74 2.48
N THR B 326 21.78 -14.54 3.50
CA THR B 326 21.08 -15.80 3.59
C THR B 326 20.27 -15.70 4.89
N LEU B 327 18.94 -15.66 4.74
CA LEU B 327 18.06 -15.38 5.87
C LEU B 327 17.56 -16.71 6.44
N THR B 328 17.75 -16.89 7.73
CA THR B 328 17.53 -18.15 8.42
C THR B 328 16.54 -17.95 9.56
N GLY B 329 15.91 -19.05 9.96
CA GLY B 329 15.05 -18.96 11.12
C GLY B 329 13.79 -19.76 10.90
N HIS B 330 13.30 -19.73 9.67
CA HIS B 330 12.26 -20.67 9.31
C HIS B 330 12.79 -22.06 9.61
N GLN B 331 11.89 -23.00 9.77
CA GLN B 331 12.28 -24.32 10.23
C GLN B 331 11.84 -25.39 9.27
N SER B 332 11.21 -25.02 8.16
CA SER B 332 10.74 -26.01 7.21
C SER B 332 10.68 -25.34 5.83
N LEU B 333 9.88 -25.89 4.94
CA LEU B 333 9.83 -25.44 3.56
C LEU B 333 9.15 -24.06 3.44
N THR B 334 9.91 -23.05 3.03
CA THR B 334 9.34 -21.75 2.65
C THR B 334 8.57 -21.91 1.34
N SER B 335 7.24 -22.01 1.43
CA SER B 335 6.40 -22.31 0.28
C SER B 335 6.18 -21.07 -0.61
N GLY B 336 5.49 -20.05 -0.09
CA GLY B 336 5.19 -18.84 -0.85
C GLY B 336 5.88 -17.62 -0.25
N MET B 337 6.30 -16.71 -1.12
CA MET B 337 6.98 -15.49 -0.75
C MET B 337 6.39 -14.36 -1.55
N GLU B 338 6.40 -13.15 -1.00
CA GLU B 338 6.00 -11.94 -1.72
C GLU B 338 7.00 -10.86 -1.41
N LEU B 339 7.48 -10.17 -2.43
CA LEU B 339 8.45 -9.10 -2.25
C LEU B 339 7.89 -7.79 -2.82
N LYS B 340 8.17 -6.69 -2.14
CA LYS B 340 7.58 -5.41 -2.50
C LYS B 340 8.35 -4.29 -1.83
N ASP B 341 9.05 -3.48 -2.61
CA ASP B 341 9.90 -2.38 -2.11
C ASP B 341 10.82 -2.84 -0.99
N ASN B 342 11.55 -3.93 -1.24
CA ASN B 342 12.57 -4.42 -0.32
C ASN B 342 12.00 -5.00 0.97
N ILE B 343 10.68 -5.08 1.10
CA ILE B 343 10.07 -5.85 2.17
C ILE B 343 9.63 -7.20 1.62
N LEU B 344 10.00 -8.26 2.32
CA LEU B 344 9.72 -9.64 1.95
C LEU B 344 8.90 -10.30 3.04
N VAL B 345 7.87 -11.05 2.63
CA VAL B 345 7.06 -11.83 3.56
C VAL B 345 7.07 -13.29 3.08
N SER B 346 7.41 -14.18 4.00
CA SER B 346 7.56 -15.61 3.67
C SER B 346 6.59 -16.48 4.46
N GLY B 347 5.93 -17.42 3.78
CA GLY B 347 5.02 -18.37 4.44
C GLY B 347 5.71 -19.72 4.47
N ASN B 348 5.53 -20.46 5.56
CA ASN B 348 6.33 -21.69 5.70
C ASN B 348 5.52 -22.82 6.32
N ALA B 349 6.00 -24.05 6.18
CA ALA B 349 5.32 -25.22 6.74
C ALA B 349 5.53 -25.28 8.24
N ASP B 350 6.41 -24.45 8.77
CA ASP B 350 6.65 -24.35 10.23
C ASP B 350 5.50 -23.61 10.93
N SER B 351 4.42 -23.26 10.20
CA SER B 351 3.23 -22.56 10.74
C SER B 351 3.50 -21.07 10.92
N THR B 352 4.67 -20.62 10.52
CA THR B 352 5.05 -19.23 10.81
C THR B 352 5.15 -18.38 9.54
N VAL B 353 4.89 -17.08 9.65
CA VAL B 353 5.10 -16.16 8.51
C VAL B 353 6.13 -15.14 8.99
N LYS B 354 7.08 -14.76 8.13
CA LYS B 354 8.11 -13.83 8.53
C LYS B 354 8.10 -12.64 7.60
N ILE B 355 8.43 -11.48 8.16
CA ILE B 355 8.59 -10.23 7.43
C ILE B 355 10.05 -9.83 7.53
N TRP B 356 10.67 -9.53 6.40
CA TRP B 356 12.10 -9.26 6.33
C TRP B 356 12.37 -7.97 5.59
N ASP B 357 13.53 -7.37 5.89
CA ASP B 357 14.00 -6.19 5.19
C ASP B 357 15.17 -6.64 4.32
N ILE B 358 14.93 -6.90 3.03
CA ILE B 358 15.97 -7.56 2.24
C ILE B 358 17.16 -6.68 1.98
N LYS B 359 17.06 -5.38 2.29
CA LYS B 359 18.24 -4.51 2.32
C LYS B 359 19.18 -4.90 3.45
N THR B 360 18.71 -4.81 4.70
CA THR B 360 19.54 -5.01 5.88
C THR B 360 19.61 -6.45 6.36
N GLY B 361 18.75 -7.34 5.86
CA GLY B 361 18.76 -8.70 6.34
C GLY B 361 17.97 -8.93 7.60
N GLN B 362 17.52 -7.87 8.27
CA GLN B 362 16.81 -8.04 9.54
C GLN B 362 15.44 -8.67 9.37
N CYS B 363 15.10 -9.61 10.26
CA CYS B 363 13.73 -10.18 10.31
C CYS B 363 12.88 -9.21 11.11
N LEU B 364 12.10 -8.38 10.43
CA LEU B 364 11.30 -7.34 11.11
C LEU B 364 10.29 -7.99 12.06
N GLN B 365 9.54 -8.97 11.58
CA GLN B 365 8.49 -9.57 12.43
C GLN B 365 8.32 -11.07 12.18
N THR B 366 7.93 -11.81 13.20
CA THR B 366 7.56 -13.23 13.01
C THR B 366 6.09 -13.29 13.40
N LEU B 367 5.22 -13.68 12.46
CA LEU B 367 3.76 -13.69 12.71
C LEU B 367 3.35 -15.02 13.32
N GLN B 368 3.31 -15.07 14.65
CA GLN B 368 2.94 -16.28 15.40
C GLN B 368 2.10 -15.84 16.59
N GLY B 369 2.24 -16.51 17.72
CA GLY B 369 1.53 -16.07 18.93
C GLY B 369 0.44 -17.03 19.33
N PRO B 370 -0.41 -16.67 20.31
CA PRO B 370 -1.47 -17.56 20.77
C PRO B 370 -2.46 -17.87 19.64
N ASN B 371 -2.59 -16.96 18.68
CA ASN B 371 -3.56 -17.14 17.57
C ASN B 371 -2.77 -17.37 16.29
N LYS B 372 -1.70 -18.14 16.38
CA LYS B 372 -0.87 -18.47 15.20
C LYS B 372 -1.53 -19.56 14.38
N HIS B 373 -0.93 -19.87 13.24
CA HIS B 373 -1.45 -20.97 12.42
C HIS B 373 -1.11 -22.29 13.09
N GLN B 374 -1.99 -23.29 12.94
CA GLN B 374 -1.78 -24.59 13.55
C GLN B 374 -1.13 -25.59 12.60
N SER B 375 -1.16 -25.34 11.30
CA SER B 375 -0.47 -26.18 10.33
C SER B 375 0.33 -25.26 9.42
N ALA B 376 0.69 -25.77 8.25
CA ALA B 376 1.53 -25.02 7.33
C ALA B 376 0.75 -23.84 6.74
N VAL B 377 1.50 -22.77 6.45
CA VAL B 377 0.98 -21.61 5.74
C VAL B 377 0.97 -21.89 4.23
N THR B 378 -0.22 -21.85 3.61
CA THR B 378 -0.34 -22.21 2.20
C THR B 378 -0.19 -21.02 1.25
N CYS B 379 -0.30 -19.79 1.73
CA CYS B 379 -0.38 -18.64 0.83
C CYS B 379 -0.35 -17.37 1.66
N LEU B 380 0.01 -16.26 1.03
CA LEU B 380 -0.12 -14.98 1.70
C LEU B 380 -0.20 -13.85 0.68
N GLN B 381 -0.84 -12.77 1.12
CA GLN B 381 -0.79 -11.46 0.50
C GLN B 381 -0.45 -10.42 1.56
N PHE B 382 0.14 -9.32 1.12
CA PHE B 382 0.35 -8.22 2.05
C PHE B 382 0.33 -6.89 1.32
N ASN B 383 0.15 -5.82 2.09
CA ASN B 383 0.19 -4.44 1.65
C ASN B 383 0.88 -3.64 2.75
N LYS B 384 0.75 -2.31 2.70
CA LYS B 384 1.50 -1.49 3.66
C LYS B 384 0.97 -1.58 5.09
N ASN B 385 -0.23 -2.13 5.29
CA ASN B 385 -0.89 -2.25 6.60
C ASN B 385 -1.00 -3.67 7.10
N PHE B 386 -1.27 -4.62 6.21
CA PHE B 386 -1.74 -5.94 6.59
C PHE B 386 -0.93 -7.04 5.93
N VAL B 387 -0.89 -8.20 6.59
CA VAL B 387 -0.51 -9.44 5.97
C VAL B 387 -1.74 -10.34 6.09
N ILE B 388 -2.12 -10.98 4.97
CA ILE B 388 -3.19 -11.96 4.93
C ILE B 388 -2.55 -13.33 4.73
N THR B 389 -2.81 -14.27 5.64
CA THR B 389 -2.24 -15.61 5.57
C THR B 389 -3.33 -16.68 5.53
N SER B 390 -3.07 -17.75 4.78
CA SER B 390 -3.95 -18.91 4.71
C SER B 390 -3.21 -20.16 5.13
N SER B 391 -3.96 -21.21 5.44
CA SER B 391 -3.31 -22.36 6.05
C SER B 391 -4.17 -23.60 5.91
N ASP B 392 -3.51 -24.75 6.01
CA ASP B 392 -4.18 -26.05 6.17
C ASP B 392 -4.99 -26.13 7.46
N ASP B 393 -4.79 -25.23 8.42
CA ASP B 393 -5.66 -25.27 9.58
C ASP B 393 -7.06 -24.75 9.27
N GLY B 394 -7.32 -24.47 8.00
CA GLY B 394 -8.63 -24.05 7.57
C GLY B 394 -8.98 -22.62 7.90
N THR B 395 -7.99 -21.77 8.21
CA THR B 395 -8.23 -20.36 8.51
C THR B 395 -7.50 -19.46 7.52
N VAL B 396 -8.00 -18.23 7.44
CA VAL B 396 -7.31 -17.10 6.81
C VAL B 396 -7.21 -16.03 7.88
N LYS B 397 -5.99 -15.58 8.17
CA LYS B 397 -5.79 -14.62 9.24
C LYS B 397 -5.38 -13.28 8.68
N LEU B 398 -5.73 -12.23 9.42
CA LEU B 398 -5.30 -10.88 9.13
C LEU B 398 -4.34 -10.41 10.23
N TRP B 399 -3.21 -9.82 9.83
CA TRP B 399 -2.14 -9.41 10.73
C TRP B 399 -1.77 -7.95 10.50
N ASP B 400 -1.37 -7.28 11.59
CA ASP B 400 -0.80 -5.93 11.50
C ASP B 400 0.64 -6.01 10.99
N LEU B 401 0.87 -5.59 9.74
CA LEU B 401 2.22 -5.68 9.19
C LEU B 401 3.20 -4.88 10.02
N LYS B 402 2.77 -3.71 10.50
CA LYS B 402 3.68 -2.79 11.17
C LYS B 402 4.13 -3.33 12.54
N THR B 403 3.21 -3.91 13.32
CA THR B 403 3.53 -4.42 14.65
C THR B 403 3.75 -5.93 14.67
N GLY B 404 3.40 -6.65 13.61
CA GLY B 404 3.50 -8.09 13.69
C GLY B 404 2.41 -8.76 14.50
N GLU B 405 1.42 -8.02 14.97
CA GLU B 405 0.41 -8.62 15.83
C GLU B 405 -0.70 -9.27 15.03
N PHE B 406 -1.26 -10.34 15.60
CA PHE B 406 -2.49 -10.92 15.07
C PHE B 406 -3.63 -9.93 15.21
N ILE B 407 -4.43 -9.80 14.15
CA ILE B 407 -5.64 -8.99 14.25
C ILE B 407 -6.85 -9.89 14.47
N ARG B 408 -7.13 -10.80 13.52
CA ARG B 408 -8.38 -11.58 13.52
C ARG B 408 -8.36 -12.66 12.43
N ASN B 409 -9.19 -13.70 12.63
CA ASN B 409 -9.45 -14.70 11.60
C ASN B 409 -10.55 -14.20 10.66
N LEU B 410 -10.21 -13.97 9.38
CA LEU B 410 -11.22 -13.60 8.37
C LEU B 410 -12.04 -14.81 7.91
N VAL B 411 -11.45 -16.00 7.92
CA VAL B 411 -12.14 -17.23 7.57
C VAL B 411 -11.79 -18.26 8.63
N THR B 412 -12.76 -19.08 9.01
CA THR B 412 -12.52 -20.19 9.93
C THR B 412 -13.39 -21.35 9.45
N LEU B 413 -12.85 -22.20 8.58
CA LEU B 413 -13.58 -23.40 8.19
C LEU B 413 -13.96 -24.22 9.42
N GLU B 414 -15.24 -24.59 9.52
CA GLU B 414 -15.65 -25.52 10.57
C GLU B 414 -14.90 -26.85 10.46
N SER B 415 -14.50 -27.21 9.25
CA SER B 415 -13.79 -28.45 8.98
C SER B 415 -12.29 -28.30 9.08
N GLY B 416 -11.81 -27.15 9.57
CA GLY B 416 -10.38 -26.89 9.53
C GLY B 416 -9.55 -27.96 10.22
N GLY B 417 -10.04 -28.46 11.36
CA GLY B 417 -9.31 -29.47 12.10
C GLY B 417 -9.47 -30.89 11.56
N SER B 418 -10.34 -31.10 10.59
CA SER B 418 -10.60 -32.46 10.14
C SER B 418 -10.49 -32.60 8.63
N GLY B 419 -9.65 -31.79 7.97
CA GLY B 419 -9.40 -31.89 6.54
C GLY B 419 -9.67 -30.64 5.75
N GLY B 420 -10.55 -29.75 6.25
CA GLY B 420 -10.72 -28.46 5.61
C GLY B 420 -9.38 -27.76 5.46
N VAL B 421 -9.20 -27.09 4.32
CA VAL B 421 -7.92 -26.43 4.03
C VAL B 421 -8.18 -25.22 3.14
N VAL B 422 -7.36 -24.19 3.29
CA VAL B 422 -7.36 -23.04 2.38
C VAL B 422 -6.10 -23.14 1.53
N TRP B 423 -6.30 -23.40 0.23
CA TRP B 423 -5.17 -23.58 -0.65
C TRP B 423 -4.49 -22.25 -0.98
N ARG B 424 -5.28 -21.23 -1.28
CA ARG B 424 -4.77 -20.06 -1.98
C ARG B 424 -5.72 -18.91 -1.72
N ILE B 425 -5.16 -17.71 -1.66
CA ILE B 425 -5.93 -16.48 -1.53
C ILE B 425 -5.39 -15.45 -2.52
N ARG B 426 -6.29 -14.63 -3.05
CA ARG B 426 -5.96 -13.40 -3.76
C ARG B 426 -6.72 -12.27 -3.11
N ALA B 427 -6.08 -11.13 -2.91
CA ALA B 427 -6.77 -9.99 -2.33
C ALA B 427 -6.68 -8.80 -3.26
N SER B 428 -7.76 -8.03 -3.30
CA SER B 428 -7.75 -6.68 -3.85
C SER B 428 -7.84 -5.70 -2.69
N ASN B 429 -7.98 -4.41 -3.01
CA ASN B 429 -8.17 -3.42 -1.96
C ASN B 429 -9.46 -3.67 -1.20
N THR B 430 -10.47 -4.26 -1.85
CA THR B 430 -11.77 -4.41 -1.20
C THR B 430 -12.30 -5.82 -1.10
N LYS B 431 -11.73 -6.81 -1.81
CA LYS B 431 -12.17 -8.17 -1.54
C LYS B 431 -11.02 -9.15 -1.38
N LEU B 432 -11.38 -10.28 -0.78
CA LEU B 432 -10.51 -11.42 -0.56
C LEU B 432 -11.14 -12.62 -1.23
N VAL B 433 -10.37 -13.35 -2.03
CA VAL B 433 -10.84 -14.56 -2.70
C VAL B 433 -10.04 -15.75 -2.13
N CYS B 434 -10.75 -16.77 -1.69
CA CYS B 434 -10.15 -17.92 -1.03
C CYS B 434 -10.46 -19.20 -1.79
N ALA B 435 -9.44 -19.97 -2.13
CA ALA B 435 -9.65 -21.31 -2.66
C ALA B 435 -9.63 -22.31 -1.51
N VAL B 436 -10.73 -23.02 -1.33
CA VAL B 436 -10.97 -23.88 -0.17
C VAL B 436 -11.38 -25.28 -0.62
N GLY B 437 -11.05 -26.27 0.20
CA GLY B 437 -11.41 -27.64 -0.14
C GLY B 437 -10.93 -28.69 0.85
N SER B 438 -10.76 -29.93 0.39
CA SER B 438 -10.26 -30.99 1.26
C SER B 438 -9.95 -32.25 0.46
N ARG B 439 -8.86 -32.91 0.83
CA ARG B 439 -8.50 -34.23 0.34
C ARG B 439 -9.47 -35.34 0.77
N ASN B 440 -10.53 -35.06 1.56
CA ASN B 440 -11.26 -36.19 2.13
C ASN B 440 -12.77 -35.95 2.27
N GLY B 441 -13.35 -34.99 1.55
CA GLY B 441 -14.78 -34.82 1.56
C GLY B 441 -15.33 -33.98 2.68
N THR B 442 -14.50 -33.57 3.63
CA THR B 442 -15.00 -32.73 4.72
C THR B 442 -15.44 -31.37 4.21
N GLU B 443 -14.79 -30.86 3.16
CA GLU B 443 -15.05 -29.53 2.59
C GLU B 443 -15.27 -29.67 1.10
N GLU B 444 -16.48 -29.37 0.63
CA GLU B 444 -16.70 -29.27 -0.81
C GLU B 444 -15.77 -28.20 -1.36
N THR B 445 -15.06 -28.49 -2.45
CA THR B 445 -14.16 -27.47 -2.98
C THR B 445 -14.94 -26.32 -3.63
N LYS B 446 -14.40 -25.11 -3.51
CA LYS B 446 -15.14 -23.88 -3.77
C LYS B 446 -14.23 -22.69 -3.54
N LEU B 447 -14.64 -21.53 -4.05
CA LEU B 447 -14.03 -20.27 -3.68
C LEU B 447 -14.96 -19.52 -2.74
N LEU B 448 -14.36 -18.83 -1.77
CA LEU B 448 -15.05 -17.84 -0.94
C LEU B 448 -14.60 -16.47 -1.38
N VAL B 449 -15.56 -15.54 -1.50
CA VAL B 449 -15.28 -14.14 -1.86
C VAL B 449 -15.83 -13.26 -0.76
N LEU B 450 -14.93 -12.61 -0.02
CA LEU B 450 -15.26 -11.68 1.05
C LEU B 450 -15.21 -10.25 0.50
N ASP B 451 -16.11 -9.40 0.96
CA ASP B 451 -16.21 -8.05 0.42
C ASP B 451 -16.06 -7.04 1.53
N PHE B 452 -15.01 -6.24 1.46
CA PHE B 452 -14.71 -5.25 2.48
C PHE B 452 -14.97 -3.84 2.00
N ASP B 453 -15.71 -3.67 0.90
CA ASP B 453 -16.02 -2.34 0.43
C ASP B 453 -16.92 -1.62 1.41
N VAL B 454 -16.91 -0.29 1.32
CA VAL B 454 -17.75 0.56 2.16
C VAL B 454 -18.71 1.33 1.28
N ASP B 455 -19.90 1.58 1.83
CA ASP B 455 -20.96 2.29 1.13
C ASP B 455 -20.72 3.80 1.18
N MET B 456 -20.80 4.46 0.03
CA MET B 456 -20.45 5.86 -0.01
C MET B 456 -21.10 6.61 -1.16
N HIS C 7 2.06 -33.44 3.64
CA HIS C 7 2.60 -32.26 2.98
C HIS C 7 1.61 -31.66 1.94
N GLU C 8 2.15 -30.73 1.14
CA GLU C 8 1.34 -29.93 0.17
C GLU C 8 1.11 -30.58 -1.18
N GLU C 9 0.37 -29.88 -2.05
CA GLU C 9 -0.02 -30.46 -3.36
C GLU C 9 1.07 -30.29 -4.42
N TPO C 10 1.16 -31.25 -5.33
CA TPO C 10 2.13 -31.20 -6.44
CB TPO C 10 3.52 -31.61 -6.00
CG2 TPO C 10 3.62 -33.09 -5.65
OG1 TPO C 10 4.39 -31.38 -7.14
P TPO C 10 5.78 -30.68 -6.85
O1P TPO C 10 6.60 -31.71 -6.11
O2P TPO C 10 6.35 -30.33 -8.21
O3P TPO C 10 5.47 -29.47 -6.00
C TPO C 10 1.59 -32.12 -7.54
O TPO C 10 0.90 -33.08 -7.18
N PRO C 11 1.81 -31.83 -8.83
CA PRO C 11 1.38 -32.72 -9.88
C PRO C 11 1.80 -34.18 -9.64
N PRO C 12 1.00 -35.17 -10.08
CA PRO C 12 1.38 -36.56 -9.94
C PRO C 12 2.60 -36.87 -10.81
N THR C 13 3.56 -37.62 -10.27
CA THR C 13 4.80 -37.95 -11.04
C THR C 13 4.48 -38.99 -12.12
N TPO C 14 5.00 -38.76 -13.33
CA TPO C 14 4.51 -39.38 -14.59
CB TPO C 14 4.74 -38.41 -15.76
CG2 TPO C 14 3.67 -38.49 -16.82
OG1 TPO C 14 4.74 -37.06 -15.18
P TPO C 14 5.68 -35.87 -15.68
O1P TPO C 14 5.51 -34.76 -14.67
O2P TPO C 14 5.18 -35.49 -17.06
O3P TPO C 14 7.10 -36.42 -15.70
C TPO C 14 5.23 -40.71 -14.83
O TPO C 14 6.45 -40.76 -14.57
HA TPO C 14 3.55 -39.55 -14.50
HB TPO C 14 5.63 -38.60 -16.16
HG21 TPO C 14 3.45 -39.42 -16.99
HG22 TPO C 14 4.00 -38.07 -17.64
HG23 TPO C 14 2.88 -38.02 -16.51
S SO4 D . 1.86 -14.65 -9.72
O1 SO4 D . 1.51 -14.19 -8.36
O2 SO4 D . 1.72 -16.13 -9.73
O3 SO4 D . 0.94 -14.02 -10.68
O4 SO4 D . 3.24 -14.27 -10.03
S SO4 E . 3.11 -22.48 -6.26
O1 SO4 E . 2.70 -22.93 -4.96
O2 SO4 E . 4.52 -22.65 -6.40
O3 SO4 E . 2.80 -21.09 -6.41
O4 SO4 E . 2.42 -23.24 -7.25
S SO4 F . -3.31 -35.98 -14.38
O1 SO4 F . -3.24 -34.74 -13.68
O2 SO4 F . -3.61 -37.03 -13.46
O3 SO4 F . -2.04 -36.26 -15.00
O4 SO4 F . -4.33 -35.92 -15.39
#